data_6JED
#
_entry.id   6JED
#
_cell.length_a   35.920
_cell.length_b   56.820
_cell.length_c   101.060
_cell.angle_alpha   90.00
_cell.angle_beta   90.00
_cell.angle_gamma   90.00
#
_symmetry.space_group_name_H-M   'P 21 21 21'
#
loop_
_entity.id
_entity.type
_entity.pdbx_description
1 polymer 'Metallo-beta-lactamase type 2'
2 non-polymer 'ZINC ION'
3 non-polymer 'SULFANYLACETIC ACID'
4 non-polymer '4-(2-HYDROXYETHYL)-1-PIPERAZINE ETHANESULFONIC ACID'
5 water water
#
_entity_poly.entity_id   1
_entity_poly.type   'polypeptide(L)'
_entity_poly.pdbx_seq_one_letter_code
;AESLPDLKIEKLDEGVYVHTSFEEVNGWGVVPKHGLVVLVNAEAYLIDTPFTAKDTEKLVTWFVERGYKIKGSISSHFHS
DSTGGIEWLNSRSIPTYASELTNELLKKDGKVQATNSFSGVNYWLVKNKIEVFYPGPGHTPDNVVVWLPERKILFGGCFI
KPYGLGNLGDANIEAWPKSAKLLKSKYGKAKLVVPSHSEVGDASLLKLTLEQAVKGLNESKKPSKPSN
;
_entity_poly.pdbx_strand_id   A
#
loop_
_chem_comp.id
_chem_comp.type
_chem_comp.name
_chem_comp.formula
EPE non-polymer '4-(2-HYDROXYETHYL)-1-PIPERAZINE ETHANESULFONIC ACID' 'C8 H18 N2 O4 S'
MCR non-polymer 'SULFANYLACETIC ACID' 'C2 H4 O2 S'
ZN non-polymer 'ZINC ION' 'Zn 2'
#
# COMPACT_ATOMS: atom_id res chain seq x y z
N SER A 3 11.14 -0.89 22.83
CA SER A 3 11.83 0.34 22.34
C SER A 3 11.34 0.71 20.94
N LEU A 4 10.04 0.50 20.70
CA LEU A 4 9.41 0.68 19.38
C LEU A 4 8.07 -0.06 19.36
N PRO A 5 6.95 0.64 19.08
CA PRO A 5 5.62 0.11 19.37
C PRO A 5 5.37 -1.22 18.61
N ASP A 6 4.60 -2.10 19.24
CA ASP A 6 4.39 -3.44 18.70
C ASP A 6 3.47 -3.36 17.47
N LEU A 7 3.69 -4.28 16.53
CA LEU A 7 2.72 -4.60 15.48
C LEU A 7 1.30 -4.71 16.04
N LYS A 8 0.36 -4.02 15.39
CA LYS A 8 -1.06 -4.10 15.67
C LYS A 8 -1.77 -4.83 14.54
N ILE A 9 -2.82 -5.59 14.88
CA ILE A 9 -3.72 -6.23 13.96
C ILE A 9 -5.14 -6.00 14.45
N GLU A 10 -5.95 -5.34 13.62
CA GLU A 10 -7.25 -4.88 14.03
C GLU A 10 -8.23 -5.12 12.88
N LYS A 11 -9.37 -5.71 13.23
CA LYS A 11 -10.36 -5.97 12.25
C LYS A 11 -10.96 -4.64 11.78
N LEU A 12 -11.05 -4.48 10.45
CA LEU A 12 -11.56 -3.28 9.88
C LEU A 12 -12.98 -3.50 9.37
N ASP A 13 -13.21 -4.67 8.76
CA ASP A 13 -14.50 -5.03 8.21
C ASP A 13 -14.49 -6.55 8.05
N GLU A 14 -15.64 -7.11 7.67
CA GLU A 14 -15.72 -8.55 7.47
CA GLU A 14 -15.75 -8.54 7.43
C GLU A 14 -14.68 -8.97 6.42
N GLY A 15 -13.75 -9.82 6.85
CA GLY A 15 -12.75 -10.41 5.97
C GLY A 15 -11.60 -9.46 5.69
N VAL A 16 -11.49 -8.40 6.49
CA VAL A 16 -10.45 -7.37 6.25
C VAL A 16 -9.90 -6.86 7.56
N TYR A 17 -8.56 -6.99 7.70
CA TYR A 17 -7.81 -6.52 8.85
C TYR A 17 -6.80 -5.46 8.39
N VAL A 18 -6.58 -4.49 9.27
CA VAL A 18 -5.46 -3.54 9.14
C VAL A 18 -4.31 -4.01 10.03
N HIS A 19 -3.12 -4.10 9.46
CA HIS A 19 -1.91 -4.32 10.21
C HIS A 19 -1.15 -3.00 10.25
N THR A 20 -0.67 -2.63 11.45
CA THR A 20 0.08 -1.40 11.64
C THR A 20 1.42 -1.73 12.26
N SER A 21 2.50 -1.35 11.58
CA SER A 21 3.84 -1.50 12.04
C SER A 21 4.43 -0.09 12.13
N PHE A 22 5.54 0.01 12.83
CA PHE A 22 6.03 1.31 13.25
C PHE A 22 7.50 1.41 12.89
N GLU A 23 7.86 2.61 12.40
CA GLU A 23 9.24 2.99 12.32
C GLU A 23 9.38 4.46 12.76
N GLU A 24 10.53 4.73 13.37
CA GLU A 24 11.04 6.09 13.50
C GLU A 24 11.55 6.58 12.15
N VAL A 25 11.06 7.75 11.76
CA VAL A 25 11.48 8.39 10.54
C VAL A 25 12.00 9.79 10.87
N ASN A 26 13.26 10.05 10.48
CA ASN A 26 13.92 11.30 10.83
C ASN A 26 13.01 12.47 10.41
N GLY A 27 12.62 13.28 11.40
CA GLY A 27 11.92 14.52 11.15
C GLY A 27 10.42 14.38 11.29
N TRP A 28 9.96 13.12 11.35
CA TRP A 28 8.52 12.78 11.25
C TRP A 28 8.06 12.03 12.51
N GLY A 29 9.01 11.54 13.31
CA GLY A 29 8.70 10.91 14.59
C GLY A 29 8.52 9.41 14.44
N VAL A 30 7.58 8.87 15.21
CA VAL A 30 7.17 7.46 15.13
C VAL A 30 6.01 7.36 14.13
N VAL A 31 6.28 6.77 12.96
CA VAL A 31 5.34 6.79 11.87
C VAL A 31 4.66 5.43 11.81
N PRO A 32 3.32 5.37 11.97
CA PRO A 32 2.60 4.14 11.68
C PRO A 32 2.66 3.86 10.17
N LYS A 33 2.70 2.58 9.82
CA LYS A 33 2.44 2.14 8.44
C LYS A 33 1.32 1.13 8.48
N HIS A 34 0.22 1.45 7.81
CA HIS A 34 -0.93 0.59 7.68
C HIS A 34 -0.81 -0.20 6.37
N GLY A 35 -1.11 -1.49 6.46
CA GLY A 35 -1.45 -2.35 5.34
C GLY A 35 -2.67 -3.20 5.71
N LEU A 36 -3.08 -4.08 4.81
CA LEU A 36 -4.22 -4.93 5.06
C LEU A 36 -3.83 -6.40 5.07
N VAL A 37 -4.71 -7.20 5.70
CA VAL A 37 -4.84 -8.62 5.39
C VAL A 37 -6.29 -8.85 4.96
N VAL A 38 -6.44 -9.49 3.80
CA VAL A 38 -7.72 -9.79 3.21
C VAL A 38 -7.93 -11.30 3.18
N LEU A 39 -9.09 -11.75 3.70
CA LEU A 39 -9.40 -13.15 3.82
C LEU A 39 -10.41 -13.53 2.74
N VAL A 40 -10.04 -14.51 1.93
CA VAL A 40 -10.96 -15.03 0.92
C VAL A 40 -11.13 -16.53 1.17
N ASN A 41 -12.33 -16.86 1.65
CA ASN A 41 -12.63 -18.07 2.37
C ASN A 41 -11.57 -18.26 3.46
N ALA A 42 -10.64 -19.19 3.23
CA ALA A 42 -9.65 -19.54 4.24
C ALA A 42 -8.25 -19.20 3.73
N GLU A 43 -8.18 -18.33 2.71
CA GLU A 43 -6.91 -17.85 2.21
C GLU A 43 -6.68 -16.41 2.66
N ALA A 44 -5.45 -16.12 3.08
CA ALA A 44 -5.09 -14.75 3.49
C ALA A 44 -4.14 -14.14 2.47
N TYR A 45 -4.39 -12.87 2.13
CA TYR A 45 -3.53 -12.08 1.25
C TYR A 45 -3.03 -10.85 2.02
N LEU A 46 -1.71 -10.65 2.02
CA LEU A 46 -1.10 -9.46 2.64
C LEU A 46 -1.09 -8.32 1.62
N ILE A 47 -1.68 -7.20 2.00
CA ILE A 47 -1.66 -6.01 1.19
C ILE A 47 -0.64 -5.07 1.83
N ASP A 48 0.56 -5.09 1.24
CA ASP A 48 1.81 -4.58 1.82
C ASP A 48 2.32 -5.51 2.92
N THR A 49 3.65 -5.58 3.01
CA THR A 49 4.30 -6.17 4.17
C THR A 49 4.57 -5.07 5.18
N PRO A 50 4.67 -5.44 6.48
CA PRO A 50 5.37 -4.59 7.44
C PRO A 50 6.75 -4.17 6.96
N PHE A 51 7.36 -3.27 7.74
CA PHE A 51 8.72 -2.82 7.50
C PHE A 51 9.74 -3.97 7.51
N THR A 52 9.57 -4.88 8.48
CA THR A 52 10.63 -5.79 8.83
C THR A 52 10.20 -7.24 8.57
N ALA A 53 11.22 -8.09 8.42
CA ALA A 53 11.02 -9.53 8.37
C ALA A 53 10.34 -10.02 9.65
N LYS A 54 10.80 -9.51 10.80
CA LYS A 54 10.33 -10.00 12.08
C LYS A 54 8.82 -9.70 12.23
N ASP A 55 8.36 -8.50 11.86
CA ASP A 55 6.94 -8.16 11.96
C ASP A 55 6.13 -8.88 10.88
N THR A 56 6.73 -9.09 9.70
CA THR A 56 6.07 -9.87 8.64
C THR A 56 5.76 -11.28 9.18
N GLU A 57 6.74 -11.87 9.88
CA GLU A 57 6.60 -13.22 10.44
C GLU A 57 5.51 -13.21 11.54
N LYS A 58 5.51 -12.18 12.39
CA LYS A 58 4.48 -12.05 13.43
C LYS A 58 3.09 -12.05 12.78
N LEU A 59 2.95 -11.25 11.72
CA LEU A 59 1.69 -11.10 11.03
C LEU A 59 1.21 -12.44 10.45
N VAL A 60 2.09 -13.11 9.70
CA VAL A 60 1.78 -14.38 9.07
C VAL A 60 1.37 -15.41 10.15
N THR A 61 2.14 -15.46 11.23
CA THR A 61 1.90 -16.45 12.29
C THR A 61 0.54 -16.23 12.95
N TRP A 62 0.12 -14.96 13.11
CA TRP A 62 -1.17 -14.65 13.73
C TRP A 62 -2.32 -15.30 12.93
N PHE A 63 -2.25 -15.18 11.60
CA PHE A 63 -3.28 -15.68 10.72
C PHE A 63 -3.20 -17.22 10.61
N VAL A 64 -1.99 -17.76 10.48
CA VAL A 64 -1.82 -19.21 10.29
C VAL A 64 -2.30 -19.95 11.54
N GLU A 65 -1.96 -19.40 12.71
CA GLU A 65 -2.41 -19.94 14.01
C GLU A 65 -3.93 -20.06 14.03
N ARG A 66 -4.64 -19.11 13.41
CA ARG A 66 -6.08 -19.07 13.40
C ARG A 66 -6.68 -19.84 12.22
N GLY A 67 -5.85 -20.51 11.42
CA GLY A 67 -6.34 -21.45 10.43
C GLY A 67 -6.34 -20.93 9.00
N TYR A 68 -5.72 -19.77 8.77
CA TYR A 68 -5.69 -19.25 7.43
C TYR A 68 -4.37 -19.60 6.74
N LYS A 69 -4.46 -19.81 5.43
CA LYS A 69 -3.32 -20.13 4.58
C LYS A 69 -2.85 -18.85 3.88
N ILE A 70 -1.59 -18.46 4.08
CA ILE A 70 -1.09 -17.27 3.39
C ILE A 70 -0.87 -17.59 1.92
N LYS A 71 -1.69 -16.98 1.05
CA LYS A 71 -1.65 -17.30 -0.36
C LYS A 71 -0.72 -16.35 -1.12
N GLY A 72 -0.52 -15.14 -0.59
CA GLY A 72 0.35 -14.22 -1.30
C GLY A 72 0.40 -12.88 -0.58
N SER A 73 1.40 -12.07 -0.95
CA SER A 73 1.45 -10.65 -0.65
C SER A 73 1.43 -9.86 -1.95
N ILE A 74 0.91 -8.62 -1.89
CA ILE A 74 1.11 -7.65 -2.96
C ILE A 74 1.68 -6.39 -2.32
N SER A 75 2.72 -5.82 -2.93
CA SER A 75 3.30 -4.59 -2.43
C SER A 75 2.88 -3.42 -3.33
N SER A 76 2.45 -2.33 -2.71
CA SER A 76 1.82 -1.22 -3.41
C SER A 76 2.85 -0.26 -4.01
N HIS A 77 4.09 -0.28 -3.49
CA HIS A 77 5.17 0.47 -4.12
C HIS A 77 6.50 -0.06 -3.61
N PHE A 78 7.59 0.47 -4.16
CA PHE A 78 8.88 -0.20 -3.94
C PHE A 78 9.49 0.14 -2.58
N HIS A 79 9.05 1.21 -1.92
CA HIS A 79 9.69 1.59 -0.63
C HIS A 79 9.57 0.46 0.40
N SER A 80 10.42 0.49 1.43
CA SER A 80 10.52 -0.63 2.35
CA SER A 80 10.56 -0.57 2.43
C SER A 80 9.27 -0.75 3.24
N ASP A 81 8.47 0.33 3.38
CA ASP A 81 7.25 0.28 4.21
C ASP A 81 6.17 -0.58 3.54
N SER A 82 6.37 -0.89 2.26
CA SER A 82 5.48 -1.83 1.49
C SER A 82 6.13 -3.20 1.24
N THR A 83 7.46 -3.27 1.21
CA THR A 83 8.21 -4.40 0.65
C THR A 83 9.21 -5.05 1.64
N GLY A 84 9.31 -4.50 2.85
CA GLY A 84 10.36 -4.92 3.80
C GLY A 84 10.36 -6.43 4.04
N GLY A 85 9.19 -7.08 3.96
CA GLY A 85 9.03 -8.50 4.27
C GLY A 85 9.10 -9.44 3.07
N ILE A 86 9.35 -8.92 1.87
CA ILE A 86 9.30 -9.77 0.70
C ILE A 86 10.34 -10.90 0.81
N GLU A 87 11.56 -10.55 1.23
CA GLU A 87 12.62 -11.56 1.28
C GLU A 87 12.22 -12.71 2.21
N TRP A 88 11.71 -12.39 3.40
CA TRP A 88 11.27 -13.43 4.35
C TRP A 88 10.14 -14.27 3.72
N LEU A 89 9.13 -13.64 3.12
CA LEU A 89 8.06 -14.40 2.52
C LEU A 89 8.61 -15.35 1.46
N ASN A 90 9.48 -14.84 0.58
CA ASN A 90 10.10 -15.66 -0.45
C ASN A 90 10.78 -16.88 0.19
N SER A 91 11.42 -16.66 1.34
CA SER A 91 12.19 -17.71 2.04
C SER A 91 11.27 -18.82 2.54
N ARG A 92 9.98 -18.52 2.68
CA ARG A 92 8.99 -19.46 3.20
C ARG A 92 8.11 -19.98 2.05
N SER A 93 8.48 -19.65 0.80
CA SER A 93 7.72 -20.08 -0.40
C SER A 93 6.29 -19.53 -0.40
N ILE A 94 6.12 -18.33 0.17
CA ILE A 94 4.88 -17.59 0.05
C ILE A 94 4.95 -16.68 -1.18
N PRO A 95 4.05 -16.85 -2.17
CA PRO A 95 4.04 -16.01 -3.38
C PRO A 95 4.01 -14.52 -3.05
N THR A 96 4.93 -13.78 -3.65
CA THR A 96 5.02 -12.33 -3.50
C THR A 96 4.76 -11.70 -4.86
N TYR A 97 3.98 -10.62 -4.86
CA TYR A 97 3.56 -9.95 -6.08
C TYR A 97 3.95 -8.46 -6.02
N ALA A 98 4.30 -7.92 -7.18
CA ALA A 98 4.47 -6.48 -7.36
C ALA A 98 4.32 -6.23 -8.85
N SER A 99 4.03 -4.99 -9.22
CA SER A 99 3.95 -4.65 -10.62
C SER A 99 5.35 -4.80 -11.24
N GLU A 100 5.40 -4.90 -12.58
CA GLU A 100 6.70 -4.91 -13.25
C GLU A 100 7.52 -3.67 -12.85
N LEU A 101 6.89 -2.49 -12.83
CA LEU A 101 7.60 -1.27 -12.56
C LEU A 101 8.09 -1.28 -11.11
N THR A 102 7.29 -1.75 -10.15
CA THR A 102 7.75 -1.85 -8.76
C THR A 102 8.99 -2.76 -8.70
N ASN A 103 8.97 -3.89 -9.39
CA ASN A 103 10.10 -4.84 -9.35
C ASN A 103 11.36 -4.17 -9.94
N GLU A 104 11.21 -3.37 -11.00
CA GLU A 104 12.33 -2.64 -11.59
CA GLU A 104 12.34 -2.63 -11.58
C GLU A 104 12.95 -1.73 -10.51
N LEU A 105 12.09 -1.00 -9.80
CA LEU A 105 12.59 -0.02 -8.86
C LEU A 105 13.16 -0.70 -7.60
N LEU A 106 12.64 -1.88 -7.22
CA LEU A 106 13.27 -2.70 -6.19
C LEU A 106 14.69 -3.04 -6.62
N LYS A 107 14.82 -3.51 -7.86
CA LYS A 107 16.15 -3.90 -8.34
C LYS A 107 17.08 -2.69 -8.30
N LYS A 108 16.63 -1.56 -8.82
CA LYS A 108 17.43 -0.35 -8.88
C LYS A 108 17.87 0.07 -7.48
N ASP A 109 17.03 -0.21 -6.47
CA ASP A 109 17.26 0.17 -5.09
C ASP A 109 18.14 -0.85 -4.36
N GLY A 110 18.52 -1.95 -5.02
CA GLY A 110 19.27 -3.05 -4.42
C GLY A 110 18.47 -3.89 -3.42
N LYS A 111 17.17 -4.09 -3.70
CA LYS A 111 16.28 -4.91 -2.88
C LYS A 111 15.91 -6.21 -3.60
N VAL A 112 15.51 -7.20 -2.78
CA VAL A 112 14.93 -8.47 -3.22
C VAL A 112 13.61 -8.19 -3.93
N GLN A 113 13.41 -8.81 -5.10
CA GLN A 113 12.18 -8.61 -5.91
C GLN A 113 11.07 -9.58 -5.47
N ALA A 114 9.83 -9.20 -5.78
CA ALA A 114 8.72 -10.09 -5.71
C ALA A 114 8.93 -11.20 -6.73
N THR A 115 8.41 -12.39 -6.40
CA THR A 115 8.62 -13.54 -7.27
C THR A 115 7.66 -13.53 -8.46
N ASN A 116 6.59 -12.73 -8.36
CA ASN A 116 5.57 -12.65 -9.38
C ASN A 116 5.31 -11.19 -9.73
N SER A 117 5.17 -10.90 -11.02
CA SER A 117 4.91 -9.53 -11.46
C SER A 117 3.77 -9.49 -12.48
N PHE A 118 3.19 -8.31 -12.58
CA PHE A 118 2.09 -8.05 -13.48
C PHE A 118 2.28 -6.71 -14.18
N SER A 119 1.83 -6.68 -15.44
CA SER A 119 1.83 -5.50 -16.28
C SER A 119 0.42 -4.92 -16.37
N GLY A 120 0.34 -3.71 -16.89
CA GLY A 120 -0.94 -3.10 -17.19
C GLY A 120 -1.49 -2.36 -15.99
N VAL A 121 -2.64 -1.74 -16.21
CA VAL A 121 -3.20 -0.74 -15.38
C VAL A 121 -4.15 -1.36 -14.33
N ASN A 122 -4.92 -2.39 -14.74
CA ASN A 122 -5.83 -3.13 -13.84
C ASN A 122 -5.32 -4.57 -13.79
N TYR A 123 -5.23 -5.13 -12.59
CA TYR A 123 -4.83 -6.51 -12.40
C TYR A 123 -5.67 -7.14 -11.28
N TRP A 124 -6.26 -8.30 -11.54
CA TRP A 124 -6.92 -9.04 -10.50
C TRP A 124 -5.90 -9.96 -9.82
N LEU A 125 -5.60 -9.67 -8.56
CA LEU A 125 -4.87 -10.61 -7.73
C LEU A 125 -5.76 -11.81 -7.40
N VAL A 126 -7.01 -11.51 -7.06
CA VAL A 126 -8.06 -12.51 -6.85
C VAL A 126 -9.31 -12.00 -7.56
N LYS A 127 -9.76 -12.76 -8.57
CA LYS A 127 -10.87 -12.33 -9.40
C LYS A 127 -12.07 -12.05 -8.48
N ASN A 128 -12.65 -10.86 -8.66
CA ASN A 128 -13.88 -10.39 -8.01
C ASN A 128 -13.64 -9.99 -6.54
N LYS A 129 -12.38 -10.08 -6.06
CA LYS A 129 -12.13 -9.90 -4.63
C LYS A 129 -11.03 -8.86 -4.37
N ILE A 130 -9.89 -8.94 -5.08
CA ILE A 130 -8.76 -8.04 -4.81
C ILE A 130 -8.22 -7.55 -6.15
N GLU A 131 -8.40 -6.26 -6.42
CA GLU A 131 -8.03 -5.66 -7.66
C GLU A 131 -6.90 -4.66 -7.39
N VAL A 132 -5.90 -4.65 -8.29
CA VAL A 132 -4.81 -3.69 -8.23
C VAL A 132 -5.03 -2.70 -9.37
N PHE A 133 -4.85 -1.42 -9.08
CA PHE A 133 -5.04 -0.34 -10.03
C PHE A 133 -3.85 0.61 -9.97
N TYR A 134 -3.31 0.94 -11.14
CA TYR A 134 -2.25 1.94 -11.28
C TYR A 134 -2.84 3.27 -11.72
N PRO A 135 -2.85 4.32 -10.87
CA PRO A 135 -3.47 5.59 -11.24
C PRO A 135 -2.56 6.51 -12.05
N GLY A 136 -1.28 6.14 -12.14
CA GLY A 136 -0.24 7.01 -12.64
C GLY A 136 0.74 7.38 -11.53
N PRO A 137 1.89 7.96 -11.92
CA PRO A 137 2.92 8.32 -10.95
C PRO A 137 2.37 9.31 -9.91
N GLY A 138 2.94 9.23 -8.70
CA GLY A 138 2.63 10.20 -7.67
C GLY A 138 3.71 10.22 -6.63
N HIS A 139 3.42 9.62 -5.46
CA HIS A 139 4.38 9.45 -4.36
C HIS A 139 5.67 8.79 -4.89
N THR A 140 5.47 7.79 -5.73
CA THR A 140 6.54 7.17 -6.49
C THR A 140 6.07 6.90 -7.90
N PRO A 141 6.96 6.52 -8.83
CA PRO A 141 6.52 6.28 -10.20
C PRO A 141 5.62 5.05 -10.36
N ASP A 142 5.74 4.12 -9.42
CA ASP A 142 5.17 2.78 -9.51
C ASP A 142 3.92 2.62 -8.63
N ASN A 143 3.54 3.62 -7.83
CA ASN A 143 2.53 3.42 -6.79
C ASN A 143 1.25 2.84 -7.42
N VAL A 144 0.71 1.81 -6.75
CA VAL A 144 -0.59 1.26 -7.10
C VAL A 144 -1.49 1.31 -5.86
N VAL A 145 -2.80 1.20 -6.11
CA VAL A 145 -3.83 1.08 -5.06
C VAL A 145 -4.47 -0.31 -5.16
N VAL A 146 -5.08 -0.77 -4.07
CA VAL A 146 -5.73 -2.06 -4.04
C VAL A 146 -7.20 -1.85 -3.64
N TRP A 147 -8.10 -2.42 -4.46
CA TRP A 147 -9.52 -2.23 -4.33
C TRP A 147 -10.16 -3.59 -4.01
N LEU A 148 -11.05 -3.55 -3.00
CA LEU A 148 -11.81 -4.71 -2.56
C LEU A 148 -13.28 -4.46 -2.89
N PRO A 149 -13.78 -4.98 -4.03
CA PRO A 149 -15.08 -4.57 -4.56
C PRO A 149 -16.25 -4.94 -3.62
N GLU A 150 -16.12 -6.04 -2.88
CA GLU A 150 -17.24 -6.52 -2.05
C GLU A 150 -17.52 -5.53 -0.92
N ARG A 151 -16.47 -4.99 -0.31
CA ARG A 151 -16.65 -4.14 0.87
C ARG A 151 -16.42 -2.67 0.54
N LYS A 152 -16.12 -2.37 -0.72
CA LYS A 152 -15.83 -1.01 -1.20
C LYS A 152 -14.72 -0.36 -0.38
N ILE A 153 -13.65 -1.13 -0.15
CA ILE A 153 -12.49 -0.66 0.56
C ILE A 153 -11.33 -0.43 -0.41
N LEU A 154 -10.79 0.80 -0.38
CA LEU A 154 -9.60 1.16 -1.18
C LEU A 154 -8.42 1.29 -0.22
N PHE A 155 -7.41 0.44 -0.44
CA PHE A 155 -6.12 0.65 0.18
C PHE A 155 -5.32 1.59 -0.73
N GLY A 156 -5.05 2.79 -0.24
CA GLY A 156 -4.40 3.83 -1.04
C GLY A 156 -2.88 3.80 -0.98
N GLY A 157 -2.32 3.10 0.00
CA GLY A 157 -0.88 3.11 0.20
C GLY A 157 -0.34 4.50 0.35
N CYS A 158 0.84 4.75 -0.21
CA CYS A 158 1.45 6.02 0.08
C CYS A 158 1.13 7.06 -0.98
N PHE A 159 0.20 6.73 -1.90
CA PHE A 159 -0.36 7.71 -2.82
C PHE A 159 -1.37 8.63 -2.12
N ILE A 160 -2.16 8.05 -1.20
CA ILE A 160 -3.19 8.82 -0.53
C ILE A 160 -2.55 9.61 0.61
N LYS A 161 -2.54 10.93 0.42
CA LYS A 161 -1.86 11.89 1.25
C LYS A 161 -2.77 13.08 1.48
N PRO A 162 -3.75 12.97 2.39
CA PRO A 162 -4.81 13.97 2.49
C PRO A 162 -4.34 15.32 3.06
N TYR A 163 -3.26 15.31 3.85
CA TYR A 163 -2.86 16.50 4.64
C TYR A 163 -1.46 17.01 4.30
N GLY A 164 -0.68 16.19 3.61
CA GLY A 164 0.61 16.57 3.13
C GLY A 164 1.25 15.39 2.41
N LEU A 165 2.19 15.69 1.52
CA LEU A 165 2.62 14.68 0.56
C LEU A 165 3.74 13.80 1.10
N GLY A 166 4.46 14.27 2.12
CA GLY A 166 5.64 13.53 2.60
C GLY A 166 6.88 13.89 1.80
N ASN A 167 7.87 12.99 1.78
CA ASN A 167 9.12 13.22 1.06
C ASN A 167 8.88 13.02 -0.45
N LEU A 168 9.33 13.98 -1.26
CA LEU A 168 9.10 14.05 -2.70
C LEU A 168 10.34 13.55 -3.46
N GLY A 169 11.24 12.93 -2.70
CA GLY A 169 12.51 12.45 -3.22
C GLY A 169 12.33 11.52 -4.40
N ASP A 170 11.34 10.63 -4.29
CA ASP A 170 11.07 9.70 -5.38
C ASP A 170 9.75 10.02 -6.08
N ALA A 171 9.15 11.18 -5.79
CA ALA A 171 7.85 11.51 -6.32
C ALA A 171 7.97 12.05 -7.75
N ASN A 172 6.84 11.95 -8.45
CA ASN A 172 6.62 12.63 -9.72
C ASN A 172 5.56 13.71 -9.50
N ILE A 173 6.01 14.87 -8.99
CA ILE A 173 5.09 15.90 -8.57
C ILE A 173 4.36 16.51 -9.78
N GLU A 174 4.99 16.47 -10.96
CA GLU A 174 4.34 17.02 -12.14
C GLU A 174 3.12 16.17 -12.54
N ALA A 175 3.20 14.84 -12.33
CA ALA A 175 2.15 13.91 -12.72
C ALA A 175 1.09 13.68 -11.63
N TRP A 176 1.44 13.97 -10.37
CA TRP A 176 0.62 13.51 -9.25
C TRP A 176 -0.77 14.12 -9.35
N PRO A 177 -0.99 15.40 -9.72
CA PRO A 177 -2.35 15.88 -9.82
C PRO A 177 -3.18 15.10 -10.84
N LYS A 178 -2.61 14.84 -12.02
CA LYS A 178 -3.32 14.07 -13.05
C LYS A 178 -3.66 12.66 -12.54
N SER A 179 -2.71 12.04 -11.83
CA SER A 179 -2.95 10.70 -11.29
C SER A 179 -4.08 10.70 -10.24
N ALA A 180 -4.08 11.75 -9.40
CA ALA A 180 -5.04 11.88 -8.32
C ALA A 180 -6.46 12.12 -8.87
N LYS A 181 -6.54 12.92 -9.93
CA LYS A 181 -7.80 13.17 -10.59
C LYS A 181 -8.37 11.85 -11.12
N LEU A 182 -7.52 11.03 -11.75
CA LEU A 182 -7.93 9.74 -12.29
C LEU A 182 -8.42 8.86 -11.15
N LEU A 183 -7.63 8.74 -10.08
CA LEU A 183 -8.05 7.89 -8.97
C LEU A 183 -9.38 8.37 -8.39
N LYS A 184 -9.56 9.69 -8.23
CA LYS A 184 -10.78 10.25 -7.64
C LYS A 184 -11.96 9.91 -8.54
N SER A 185 -11.73 9.91 -9.85
CA SER A 185 -12.81 9.71 -10.81
C SER A 185 -13.27 8.25 -10.77
N LYS A 186 -12.39 7.35 -10.36
CA LYS A 186 -12.61 5.92 -10.47
C LYS A 186 -13.18 5.34 -9.18
N TYR A 187 -12.91 5.94 -8.02
CA TYR A 187 -13.25 5.29 -6.75
C TYR A 187 -14.03 6.24 -5.84
N GLY A 188 -14.94 7.03 -6.43
CA GLY A 188 -15.86 7.90 -5.66
C GLY A 188 -16.80 7.12 -4.74
N LYS A 189 -16.88 5.82 -5.01
CA LYS A 189 -17.83 4.88 -4.41
C LYS A 189 -17.25 4.32 -3.10
N ALA A 190 -15.94 4.47 -2.92
CA ALA A 190 -15.28 3.89 -1.76
C ALA A 190 -16.00 4.27 -0.45
N LYS A 191 -16.22 3.26 0.39
CA LYS A 191 -16.72 3.43 1.75
C LYS A 191 -15.57 3.76 2.71
N LEU A 192 -14.46 3.03 2.58
CA LEU A 192 -13.31 3.26 3.40
C LEU A 192 -12.11 3.40 2.45
N VAL A 193 -11.32 4.43 2.72
CA VAL A 193 -10.03 4.62 2.11
C VAL A 193 -8.96 4.57 3.21
N VAL A 194 -7.97 3.69 3.00
CA VAL A 194 -6.96 3.38 3.95
C VAL A 194 -5.64 3.92 3.44
N PRO A 195 -5.14 5.05 3.98
CA PRO A 195 -3.79 5.53 3.65
C PRO A 195 -2.73 4.75 4.44
N SER A 196 -1.48 4.83 3.99
CA SER A 196 -0.38 4.20 4.66
C SER A 196 -0.13 4.81 6.04
N HIS A 197 -0.18 6.14 6.14
CA HIS A 197 0.42 6.81 7.29
C HIS A 197 -0.53 7.78 7.97
N SER A 198 -1.84 7.61 7.77
CA SER A 198 -2.83 8.33 8.59
C SER A 198 -4.11 7.49 8.68
N GLU A 199 -5.08 8.04 9.41
CA GLU A 199 -6.24 7.29 9.82
CA GLU A 199 -6.25 7.30 9.83
C GLU A 199 -7.09 6.91 8.60
N VAL A 200 -7.89 5.86 8.77
CA VAL A 200 -8.84 5.47 7.80
C VAL A 200 -9.87 6.58 7.66
N GLY A 201 -10.26 6.84 6.42
CA GLY A 201 -11.35 7.77 6.10
C GLY A 201 -12.25 7.25 5.02
N ASP A 202 -12.96 8.17 4.38
CA ASP A 202 -13.88 7.81 3.32
C ASP A 202 -13.38 8.43 2.01
N ALA A 203 -14.26 8.45 1.00
CA ALA A 203 -13.91 8.84 -0.37
C ALA A 203 -13.40 10.28 -0.43
N SER A 204 -13.66 11.07 0.61
CA SER A 204 -13.22 12.45 0.65
C SER A 204 -11.70 12.53 0.66
N LEU A 205 -11.03 11.46 1.06
CA LEU A 205 -9.57 11.46 1.09
C LEU A 205 -9.01 11.52 -0.33
N LEU A 206 -9.78 11.11 -1.33
CA LEU A 206 -9.35 11.22 -2.73
C LEU A 206 -9.26 12.69 -3.16
N LYS A 207 -10.29 13.48 -2.84
CA LYS A 207 -10.32 14.90 -3.11
C LYS A 207 -9.20 15.64 -2.36
N LEU A 208 -9.02 15.31 -1.07
CA LEU A 208 -7.99 15.97 -0.27
C LEU A 208 -6.61 15.67 -0.86
N THR A 209 -6.39 14.43 -1.30
CA THR A 209 -5.11 14.07 -1.91
C THR A 209 -4.87 14.91 -3.18
N LEU A 210 -5.88 15.04 -4.02
CA LEU A 210 -5.75 15.86 -5.22
C LEU A 210 -5.34 17.29 -4.86
N GLU A 211 -6.03 17.88 -3.87
CA GLU A 211 -5.71 19.22 -3.46
CA GLU A 211 -5.72 19.23 -3.39
C GLU A 211 -4.24 19.30 -3.02
N GLN A 212 -3.76 18.28 -2.29
CA GLN A 212 -2.40 18.30 -1.81
C GLN A 212 -1.43 18.21 -2.98
N ALA A 213 -1.74 17.35 -3.95
CA ALA A 213 -0.89 17.17 -5.12
C ALA A 213 -0.77 18.49 -5.88
N VAL A 214 -1.90 19.15 -6.06
CA VAL A 214 -1.93 20.43 -6.76
C VAL A 214 -1.05 21.45 -6.04
N LYS A 215 -1.21 21.57 -4.72
CA LYS A 215 -0.39 22.48 -3.94
C LYS A 215 1.08 22.10 -4.05
N GLY A 216 1.41 20.80 -3.97
CA GLY A 216 2.76 20.38 -4.00
C GLY A 216 3.44 20.70 -5.32
N LEU A 217 2.69 20.60 -6.41
CA LEU A 217 3.23 20.94 -7.73
C LEU A 217 3.50 22.45 -7.79
N ASN A 218 2.59 23.22 -7.22
CA ASN A 218 2.79 24.68 -7.14
C ASN A 218 4.07 25.00 -6.35
N GLU A 219 4.25 24.39 -5.18
CA GLU A 219 5.39 24.66 -4.33
C GLU A 219 6.70 24.29 -5.06
N SER A 220 6.65 23.27 -5.92
CA SER A 220 7.82 22.75 -6.63
C SER A 220 8.35 23.80 -7.62
N LYS A 221 7.52 24.79 -7.97
CA LYS A 221 7.83 25.74 -9.03
C LYS A 221 8.33 27.05 -8.43
N LYS A 222 8.44 27.07 -7.10
CA LYS A 222 9.10 28.17 -6.38
C LYS A 222 10.59 27.86 -6.19
N PRO A 223 11.49 28.82 -6.48
CA PRO A 223 12.91 28.68 -6.13
C PRO A 223 13.16 28.19 -4.71
ZN ZN B . 6.95 5.44 0.01
ZN ZN C . 4.97 5.30 2.96
OXT MCR D . 5.67 9.43 2.26
C MCR D . 5.78 8.16 2.38
O MCR D . 4.78 7.46 2.38
CA MCR D . 7.14 7.49 2.50
S2 MCR D . 7.18 5.68 2.21
N1 EPE E . 2.50 11.89 6.72
C2 EPE E . 3.04 11.37 7.98
C3 EPE E . 4.57 11.38 7.93
N4 EPE E . 5.07 10.63 6.76
C5 EPE E . 4.58 11.29 5.53
C6 EPE E . 3.06 11.24 5.52
C7 EPE E . 6.54 10.64 6.78
C8 EPE E . 7.11 9.61 5.81
O8 EPE E . 6.84 8.28 6.28
C9 EPE E . 1.04 11.64 6.74
C10 EPE E . 0.45 12.31 5.50
S EPE E . -1.21 12.16 5.45
O1S EPE E . -1.36 10.68 5.18
O2S EPE E . -1.71 12.62 6.76
O3S EPE E . -1.43 13.17 4.40
#